data_7B2A
#
_entry.id   7B2A
#
_cell.length_a   52.010
_cell.length_b   71.320
_cell.length_c   110.150
_cell.angle_alpha   90.000
_cell.angle_beta   90.000
_cell.angle_gamma   90.000
#
_symmetry.space_group_name_H-M   'I 2 2 2'
#
loop_
_entity.id
_entity.type
_entity.pdbx_description
1 polymer CirpA5
2 non-polymer '4-(2-HYDROXYETHYL)-1-PIPERAZINE ETHANESULFONIC ACID'
3 water water
#
_entity_poly.entity_id   1
_entity_poly.type   'polypeptide(L)'
_entity_poly.pdbx_seq_one_letter_code
;MGQSEKQEEPDYPINKFMNTTDEIWVFRTTQENVQKCKKDKNKYMTTSATFFTRSHEEQDQIHEQELVGKFANFYDKPDG
VYDRIDITGDKTGVYEEALAYASKENTCGVVGVWAFDGETTVVWRELRVRNRPNDATKVDEMCKKKFDDYVQVVNKSWTS
PYNEKCK
;
_entity_poly.pdbx_strand_id   A
#
loop_
_chem_comp.id
_chem_comp.type
_chem_comp.name
_chem_comp.formula
EPE non-polymer '4-(2-HYDROXYETHYL)-1-PIPERAZINE ETHANESULFONIC ACID' 'C8 H18 N2 O4 S'
#
# COMPACT_ATOMS: atom_id res chain seq x y z
N LYS A 6 -23.29 4.31 14.28
CA LYS A 6 -22.28 3.56 13.53
C LYS A 6 -21.03 3.34 14.38
N GLN A 7 -20.73 2.07 14.64
CA GLN A 7 -19.59 1.74 15.49
C GLN A 7 -18.29 2.17 14.84
N GLU A 8 -17.41 2.79 15.62
CA GLU A 8 -16.13 3.24 15.10
C GLU A 8 -15.30 2.05 14.65
N GLU A 9 -14.77 2.14 13.43
CA GLU A 9 -13.88 1.10 12.94
C GLU A 9 -12.59 1.09 13.76
N PRO A 10 -12.00 -0.08 13.98
CA PRO A 10 -10.71 -0.12 14.67
C PRO A 10 -9.64 0.53 13.81
N ASP A 11 -8.64 1.10 14.47
CA ASP A 11 -7.45 1.53 13.75
C ASP A 11 -6.70 0.32 13.24
N TYR A 12 -6.08 0.47 12.09
CA TYR A 12 -5.44 -0.65 11.41
C TYR A 12 -3.92 -0.50 11.44
N PRO A 13 -3.22 -1.25 12.28
CA PRO A 13 -1.76 -1.04 12.44
C PRO A 13 -1.01 -1.45 11.19
N ILE A 14 -0.28 -0.50 10.61
CA ILE A 14 0.46 -0.76 9.38
C ILE A 14 1.77 -1.49 9.66
N ASN A 15 2.31 -1.37 10.88
CA ASN A 15 3.50 -2.15 11.23
C ASN A 15 3.20 -3.64 11.22
N LYS A 16 2.02 -4.04 11.70
CA LYS A 16 1.63 -5.44 11.62
C LYS A 16 1.32 -5.85 10.18
N PHE A 17 0.78 -4.93 9.37
CA PHE A 17 0.44 -5.27 8.00
C PHE A 17 1.68 -5.56 7.17
N MET A 18 2.74 -4.78 7.36
CA MET A 18 3.96 -4.93 6.58
C MET A 18 4.95 -5.91 7.19
N ASN A 19 4.67 -6.47 8.37
CA ASN A 19 5.59 -7.37 9.06
C ASN A 19 5.36 -8.80 8.54
N THR A 20 5.99 -9.10 7.41
CA THR A 20 5.90 -10.41 6.78
C THR A 20 7.01 -10.55 5.76
N THR A 21 7.44 -11.79 5.52
CA THR A 21 8.36 -12.07 4.43
C THR A 21 7.63 -12.27 3.10
N ASP A 22 6.30 -12.36 3.12
CA ASP A 22 5.53 -12.46 1.89
C ASP A 22 5.67 -11.17 1.08
N GLU A 23 5.72 -11.32 -0.23
CA GLU A 23 5.62 -10.16 -1.11
C GLU A 23 4.22 -9.57 -1.03
N ILE A 24 4.15 -8.25 -0.93
CA ILE A 24 2.89 -7.52 -0.86
C ILE A 24 2.69 -6.85 -2.21
N TRP A 25 1.79 -7.41 -3.02
CA TRP A 25 1.57 -6.95 -4.38
C TRP A 25 0.47 -5.88 -4.42
N VAL A 26 0.62 -4.93 -5.32
CA VAL A 26 -0.45 -3.99 -5.61
C VAL A 26 -1.42 -4.67 -6.58
N PHE A 27 -2.64 -4.91 -6.13
CA PHE A 27 -3.66 -5.61 -6.93
C PHE A 27 -4.59 -4.64 -7.66
N ARG A 28 -4.92 -3.51 -7.05
CA ARG A 28 -5.71 -2.46 -7.68
C ARG A 28 -5.09 -1.12 -7.32
N THR A 29 -5.27 -0.13 -8.21
CA THR A 29 -4.75 1.20 -7.94
C THR A 29 -5.53 2.22 -8.73
N THR A 30 -5.64 3.42 -8.16
CA THR A 30 -6.13 4.60 -8.86
C THR A 30 -4.99 5.50 -9.33
N GLN A 31 -3.75 5.05 -9.19
CA GLN A 31 -2.61 5.81 -9.70
C GLN A 31 -2.71 5.96 -11.20
N GLU A 32 -2.44 7.16 -11.70
CA GLU A 32 -2.56 7.43 -13.12
C GLU A 32 -1.38 6.87 -13.90
N ASN A 33 -0.16 7.18 -13.47
CA ASN A 33 1.04 6.58 -14.06
C ASN A 33 1.27 5.25 -13.38
N VAL A 34 0.72 4.18 -13.97
CA VAL A 34 0.72 2.87 -13.35
C VAL A 34 2.09 2.22 -13.49
N GLN A 35 2.64 1.78 -12.36
CA GLN A 35 3.85 0.96 -12.35
C GLN A 35 3.44 -0.50 -12.38
N LYS A 36 3.75 -1.19 -13.47
CA LYS A 36 3.42 -2.61 -13.57
C LYS A 36 4.18 -3.41 -12.52
N CYS A 37 3.51 -4.43 -11.98
CA CYS A 37 4.14 -5.38 -11.05
C CYS A 37 4.65 -4.71 -9.79
N LYS A 38 3.98 -3.65 -9.34
CA LYS A 38 4.39 -2.96 -8.13
C LYS A 38 4.23 -3.87 -6.92
N LYS A 39 5.27 -3.96 -6.09
CA LYS A 39 5.25 -4.87 -4.94
C LYS A 39 6.29 -4.42 -3.91
N ASP A 40 6.08 -4.84 -2.67
CA ASP A 40 6.98 -4.56 -1.56
C ASP A 40 7.49 -5.87 -0.96
N LYS A 41 8.74 -5.84 -0.49
CA LYS A 41 9.33 -6.95 0.25
C LYS A 41 9.98 -6.38 1.50
N ASN A 42 9.37 -6.62 2.66
CA ASN A 42 9.91 -6.07 3.90
C ASN A 42 11.18 -6.81 4.30
N LYS A 43 12.16 -6.05 4.79
CA LYS A 43 13.47 -6.58 5.14
C LYS A 43 13.81 -6.47 6.62
N TYR A 44 13.27 -5.48 7.33
CA TYR A 44 13.65 -5.22 8.71
C TYR A 44 12.61 -4.30 9.32
N MET A 45 12.41 -4.44 10.63
CA MET A 45 11.42 -3.60 11.30
C MET A 45 11.74 -3.46 12.78
N THR A 46 11.76 -2.22 13.24
CA THR A 46 11.83 -1.89 14.66
C THR A 46 10.49 -1.29 15.09
N THR A 47 10.43 -0.81 16.33
CA THR A 47 9.20 -0.19 16.80
C THR A 47 8.95 1.17 16.17
N SER A 48 9.98 1.79 15.59
CA SER A 48 9.85 3.12 15.03
C SER A 48 9.90 3.18 13.51
N ALA A 49 10.41 2.15 12.84
CA ALA A 49 10.56 2.24 11.40
C ALA A 49 10.59 0.84 10.78
N THR A 50 10.17 0.77 9.52
CA THR A 50 10.30 -0.43 8.71
C THR A 50 11.21 -0.14 7.51
N PHE A 51 11.86 -1.19 7.03
CA PHE A 51 12.82 -1.10 5.93
C PHE A 51 12.43 -2.14 4.90
N PHE A 52 12.17 -1.71 3.67
CA PHE A 52 11.58 -2.61 2.68
C PHE A 52 12.06 -2.24 1.29
N THR A 53 12.05 -3.23 0.40
CA THR A 53 12.42 -3.06 -1.00
C THR A 53 11.14 -2.95 -1.83
N ARG A 54 10.96 -1.81 -2.50
CA ARG A 54 9.82 -1.57 -3.35
C ARG A 54 10.26 -1.62 -4.81
N SER A 55 9.55 -2.40 -5.62
CA SER A 55 9.98 -2.60 -6.99
C SER A 55 8.78 -2.55 -7.94
N HIS A 56 9.09 -2.31 -9.21
CA HIS A 56 8.13 -2.44 -10.29
C HIS A 56 8.90 -2.76 -11.57
N GLU A 57 8.16 -3.09 -12.63
CA GLU A 57 8.76 -3.49 -13.89
C GLU A 57 8.45 -2.46 -14.97
N GLU A 58 9.43 -2.21 -15.83
CA GLU A 58 9.27 -1.39 -17.01
C GLU A 58 9.92 -2.13 -18.18
N GLN A 59 9.10 -2.47 -19.18
CA GLN A 59 9.53 -3.33 -20.29
C GLN A 59 10.10 -4.64 -19.75
N ASP A 60 9.40 -5.20 -18.76
CA ASP A 60 9.70 -6.48 -18.12
C ASP A 60 11.01 -6.48 -17.34
N GLN A 61 11.61 -5.32 -17.12
CA GLN A 61 12.85 -5.21 -16.36
C GLN A 61 12.56 -4.60 -15.00
N ILE A 62 13.11 -5.23 -13.96
CA ILE A 62 12.77 -4.86 -12.59
C ILE A 62 13.57 -3.64 -12.18
N HIS A 63 12.89 -2.66 -11.59
CA HIS A 63 13.50 -1.50 -10.97
C HIS A 63 13.20 -1.52 -9.49
N GLU A 64 14.25 -1.45 -8.66
CA GLU A 64 14.13 -1.59 -7.22
C GLU A 64 14.56 -0.31 -6.50
N GLN A 65 13.97 -0.09 -5.33
CA GLN A 65 14.36 0.99 -4.44
C GLN A 65 14.31 0.50 -3.00
N GLU A 66 15.28 0.94 -2.20
CA GLU A 66 15.30 0.67 -0.76
C GLU A 66 14.66 1.85 -0.04
N LEU A 67 13.51 1.61 0.60
CA LEU A 67 12.75 2.66 1.24
C LEU A 67 12.75 2.50 2.75
N VAL A 68 12.44 3.59 3.45
CA VAL A 68 12.32 3.61 4.90
C VAL A 68 10.99 4.25 5.27
N GLY A 69 10.26 3.60 6.18
CA GLY A 69 9.00 4.16 6.65
C GLY A 69 8.97 4.34 8.15
N LYS A 70 8.88 5.59 8.61
CA LYS A 70 8.81 5.89 10.04
C LYS A 70 7.35 5.86 10.49
N PHE A 71 7.05 5.00 11.46
CA PHE A 71 5.68 4.80 11.89
C PHE A 71 5.13 6.04 12.58
N ALA A 72 3.84 6.29 12.37
CA ALA A 72 3.15 7.39 13.01
C ALA A 72 1.66 7.10 12.97
N ASN A 73 0.89 7.95 13.64
CA ASN A 73 -0.56 7.90 13.58
C ASN A 73 -1.07 8.88 12.53
N PHE A 74 -2.11 8.48 11.80
CA PHE A 74 -2.57 9.27 10.66
C PHE A 74 -3.12 10.63 11.11
N TYR A 75 -3.82 10.68 12.23
CA TYR A 75 -4.39 11.92 12.73
C TYR A 75 -3.47 12.64 13.70
N ASP A 76 -2.21 12.22 13.80
CA ASP A 76 -1.25 12.78 14.75
C ASP A 76 -1.78 12.73 16.18
N LYS A 77 -2.53 11.69 16.50
CA LYS A 77 -3.00 11.50 17.87
C LYS A 77 -1.83 11.01 18.72
N PRO A 78 -1.55 11.66 19.86
CA PRO A 78 -0.46 11.20 20.72
C PRO A 78 -0.68 9.77 21.17
N ASP A 79 0.33 8.92 20.91
CA ASP A 79 0.31 7.50 21.26
C ASP A 79 -0.79 6.74 20.53
N GLY A 80 -1.24 7.25 19.40
CA GLY A 80 -2.23 6.55 18.61
C GLY A 80 -1.63 5.35 17.90
N VAL A 81 -2.53 4.55 17.30
CA VAL A 81 -2.10 3.38 16.55
C VAL A 81 -1.23 3.80 15.38
N TYR A 82 -0.19 3.02 15.10
CA TYR A 82 0.69 3.27 13.96
C TYR A 82 0.04 2.74 12.69
N ASP A 83 -0.84 3.55 12.12
CA ASP A 83 -1.49 3.22 10.86
C ASP A 83 -0.87 3.97 9.68
N ARG A 84 0.28 4.60 9.87
CA ARG A 84 0.88 5.45 8.85
C ARG A 84 2.40 5.31 8.89
N ILE A 85 3.01 5.42 7.72
CA ILE A 85 4.46 5.55 7.60
C ILE A 85 4.78 6.82 6.82
N ASP A 86 5.76 7.57 7.31
CA ASP A 86 6.36 8.65 6.55
C ASP A 86 7.58 8.09 5.83
N ILE A 87 7.61 8.22 4.51
CA ILE A 87 8.50 7.45 3.65
C ILE A 87 9.62 8.37 3.14
N THR A 88 10.86 7.87 3.21
CA THR A 88 12.01 8.52 2.59
C THR A 88 12.70 7.54 1.66
N GLY A 89 13.32 8.09 0.62
CA GLY A 89 14.09 7.30 -0.33
C GLY A 89 13.41 7.00 -1.65
N ASP A 90 12.18 7.47 -1.86
CA ASP A 90 11.45 7.19 -3.08
C ASP A 90 11.65 8.33 -4.08
N LYS A 91 12.26 8.01 -5.22
CA LYS A 91 12.53 9.04 -6.23
C LYS A 91 11.28 9.48 -6.98
N THR A 92 10.14 8.82 -6.78
CA THR A 92 8.88 9.25 -7.37
C THR A 92 8.11 10.21 -6.47
N GLY A 93 8.59 10.46 -5.26
CA GLY A 93 8.06 11.50 -4.41
C GLY A 93 7.04 11.07 -3.37
N VAL A 94 6.78 9.77 -3.21
CA VAL A 94 5.88 9.33 -2.16
C VAL A 94 6.50 9.66 -0.81
N TYR A 95 5.72 10.32 0.05
CA TYR A 95 6.20 10.68 1.38
C TYR A 95 5.33 10.17 2.53
N GLU A 96 4.14 9.66 2.25
CA GLU A 96 3.29 9.12 3.31
C GLU A 96 2.33 8.09 2.74
N GLU A 97 2.12 7.02 3.51
CA GLU A 97 1.10 6.01 3.23
C GLU A 97 0.36 5.71 4.52
N ALA A 98 -0.89 5.30 4.40
CA ALA A 98 -1.74 5.08 5.56
C ALA A 98 -2.73 3.96 5.27
N LEU A 99 -2.89 3.07 6.26
CA LEU A 99 -3.69 1.86 6.11
C LEU A 99 -5.13 2.18 6.49
N ALA A 100 -6.01 2.22 5.49
CA ALA A 100 -7.42 2.52 5.71
C ALA A 100 -8.23 1.28 6.09
N TYR A 101 -7.81 0.10 5.64
CA TYR A 101 -8.45 -1.15 6.03
C TYR A 101 -7.43 -2.27 5.94
N ALA A 102 -7.61 -3.29 6.80
CA ALA A 102 -6.78 -4.47 6.79
C ALA A 102 -7.65 -5.67 7.13
N SER A 103 -7.56 -6.73 6.31
CA SER A 103 -8.33 -7.93 6.56
C SER A 103 -7.75 -8.69 7.75
N LYS A 104 -8.48 -9.71 8.19
CA LYS A 104 -7.97 -10.60 9.22
C LYS A 104 -6.70 -11.28 8.71
N GLU A 105 -5.70 -11.36 9.59
CA GLU A 105 -4.38 -11.90 9.28
C GLU A 105 -3.65 -11.10 8.21
N ASN A 106 -4.13 -9.88 7.94
CA ASN A 106 -3.46 -8.93 7.05
C ASN A 106 -3.23 -9.51 5.66
N THR A 107 -4.16 -10.34 5.20
CA THR A 107 -4.06 -10.89 3.85
C THR A 107 -4.31 -9.85 2.79
N CYS A 108 -5.03 -8.78 3.11
CA CYS A 108 -5.35 -7.73 2.16
C CYS A 108 -5.44 -6.41 2.89
N GLY A 109 -5.09 -5.34 2.19
CA GLY A 109 -5.14 -4.01 2.79
C GLY A 109 -5.44 -2.95 1.76
N VAL A 110 -6.09 -1.88 2.22
CA VAL A 110 -6.37 -0.70 1.43
C VAL A 110 -5.49 0.43 1.95
N VAL A 111 -4.62 0.96 1.09
CA VAL A 111 -3.57 1.89 1.50
C VAL A 111 -3.70 3.17 0.70
N GLY A 112 -3.86 4.29 1.40
CA GLY A 112 -3.80 5.59 0.74
C GLY A 112 -2.36 6.06 0.62
N VAL A 113 -2.07 6.76 -0.48
CA VAL A 113 -0.71 7.20 -0.79
C VAL A 113 -0.72 8.69 -1.05
N TRP A 114 0.25 9.39 -0.48
CA TRP A 114 0.46 10.82 -0.68
C TRP A 114 1.88 11.02 -1.23
N ALA A 115 1.98 11.69 -2.37
CA ALA A 115 3.25 11.93 -3.03
C ALA A 115 3.37 13.41 -3.38
N PHE A 116 4.58 13.81 -3.75
CA PHE A 116 4.86 15.18 -4.17
C PHE A 116 5.61 15.15 -5.49
N ASP A 117 5.01 15.70 -6.55
CA ASP A 117 5.68 15.77 -7.83
C ASP A 117 6.70 16.89 -7.83
N GLY A 118 6.27 18.08 -8.22
CA GLY A 118 7.08 19.27 -8.13
C GLY A 118 6.23 20.45 -7.72
N GLU A 119 4.92 20.31 -7.91
CA GLU A 119 3.94 21.36 -7.67
C GLU A 119 3.11 21.14 -6.41
N THR A 120 2.44 19.99 -6.31
CA THR A 120 1.41 19.77 -5.30
C THR A 120 1.45 18.32 -4.84
N THR A 121 0.69 18.04 -3.78
CA THR A 121 0.54 16.67 -3.31
C THR A 121 -0.36 15.87 -4.24
N VAL A 122 0.10 14.70 -4.65
CA VAL A 122 -0.67 13.77 -5.47
C VAL A 122 -1.13 12.62 -4.57
N VAL A 123 -2.42 12.28 -4.65
CA VAL A 123 -3.02 11.29 -3.77
C VAL A 123 -3.71 10.22 -4.61
N TRP A 124 -3.50 8.96 -4.25
CA TRP A 124 -4.24 7.85 -4.82
C TRP A 124 -4.38 6.77 -3.76
N ARG A 125 -4.88 5.61 -4.16
CA ARG A 125 -5.17 4.54 -3.21
C ARG A 125 -4.97 3.20 -3.89
N GLU A 126 -4.48 2.23 -3.12
CA GLU A 126 -4.13 0.93 -3.64
C GLU A 126 -4.74 -0.17 -2.78
N LEU A 127 -5.13 -1.25 -3.43
CA LEU A 127 -5.49 -2.50 -2.75
C LEU A 127 -4.29 -3.43 -2.83
N ARG A 128 -3.73 -3.79 -1.68
CA ARG A 128 -2.52 -4.59 -1.62
C ARG A 128 -2.81 -5.95 -1.02
N VAL A 129 -2.17 -6.99 -1.56
CA VAL A 129 -2.44 -8.37 -1.21
C VAL A 129 -1.13 -9.07 -0.87
N ARG A 130 -1.15 -9.84 0.22
CA ARG A 130 -0.03 -10.71 0.55
C ARG A 130 0.02 -11.89 -0.42
N ASN A 131 1.21 -12.11 -1.00
CA ASN A 131 1.46 -13.15 -1.99
C ASN A 131 0.72 -12.85 -3.31
N ARG A 132 1.06 -13.58 -4.36
CA ARG A 132 0.56 -13.27 -5.69
C ARG A 132 -0.96 -13.43 -5.73
N PRO A 133 -1.70 -12.40 -6.16
CA PRO A 133 -3.16 -12.50 -6.28
C PRO A 133 -3.60 -13.21 -7.56
N ASN A 134 -3.11 -14.43 -7.75
CA ASN A 134 -3.49 -15.19 -8.95
C ASN A 134 -4.93 -15.68 -8.85
N ASP A 135 -5.37 -16.04 -7.65
CA ASP A 135 -6.75 -16.48 -7.41
C ASP A 135 -7.49 -15.31 -6.76
N ALA A 136 -8.13 -14.49 -7.60
CA ALA A 136 -8.87 -13.34 -7.08
C ALA A 136 -10.06 -13.76 -6.22
N THR A 137 -10.52 -15.01 -6.34
CA THR A 137 -11.66 -15.47 -5.55
C THR A 137 -11.28 -15.78 -4.10
N LYS A 138 -9.98 -15.76 -3.77
CA LYS A 138 -9.54 -15.91 -2.39
C LYS A 138 -9.14 -14.60 -1.74
N VAL A 139 -9.16 -13.50 -2.49
CA VAL A 139 -8.89 -12.18 -1.92
C VAL A 139 -10.14 -11.71 -1.20
N ASP A 140 -9.96 -11.24 0.04
CA ASP A 140 -11.08 -10.87 0.91
C ASP A 140 -12.00 -9.86 0.25
N GLU A 141 -13.28 -10.22 0.16
CA GLU A 141 -14.26 -9.34 -0.47
C GLU A 141 -14.54 -8.10 0.36
N MET A 142 -14.37 -8.19 1.68
CA MET A 142 -14.49 -6.99 2.52
C MET A 142 -13.42 -5.99 2.17
N CYS A 143 -12.22 -6.47 1.83
CA CYS A 143 -11.13 -5.60 1.39
C CYS A 143 -11.47 -4.95 0.05
N LYS A 144 -11.97 -5.75 -0.90
CA LYS A 144 -12.35 -5.21 -2.20
C LYS A 144 -13.43 -4.15 -2.07
N LYS A 145 -14.40 -4.37 -1.19
CA LYS A 145 -15.54 -3.46 -1.08
C LYS A 145 -15.13 -2.13 -0.44
N LYS A 146 -14.22 -2.17 0.53
CA LYS A 146 -13.68 -0.93 1.07
C LYS A 146 -13.01 -0.10 -0.03
N PHE A 147 -12.29 -0.78 -0.93
CA PHE A 147 -11.68 -0.09 -2.06
C PHE A 147 -12.75 0.37 -3.06
N ASP A 148 -13.76 -0.47 -3.30
CA ASP A 148 -14.84 -0.08 -4.20
C ASP A 148 -15.62 1.11 -3.65
N ASP A 149 -15.96 1.09 -2.36
CA ASP A 149 -16.67 2.20 -1.75
C ASP A 149 -15.91 3.51 -1.95
N TYR A 150 -14.58 3.45 -1.87
CA TYR A 150 -13.76 4.65 -1.98
C TYR A 150 -13.75 5.20 -3.41
N VAL A 151 -13.55 4.33 -4.41
CA VAL A 151 -13.52 4.81 -5.78
C VAL A 151 -14.88 5.33 -6.23
N GLN A 152 -15.96 4.85 -5.60
CA GLN A 152 -17.28 5.40 -5.87
C GLN A 152 -17.41 6.80 -5.29
N VAL A 153 -16.82 7.03 -4.12
CA VAL A 153 -16.91 8.34 -3.47
C VAL A 153 -16.10 9.38 -4.23
N VAL A 154 -14.87 9.04 -4.64
CA VAL A 154 -14.02 9.99 -5.34
C VAL A 154 -14.23 9.98 -6.84
N ASN A 155 -15.10 9.10 -7.35
CA ASN A 155 -15.43 9.02 -8.77
C ASN A 155 -14.16 8.84 -9.63
N LYS A 156 -13.56 7.66 -9.49
CA LYS A 156 -12.36 7.32 -10.23
C LYS A 156 -12.39 5.85 -10.59
N SER A 157 -11.75 5.53 -11.72
CA SER A 157 -11.59 4.15 -12.16
C SER A 157 -10.22 3.63 -11.73
N TRP A 158 -10.11 2.31 -11.63
CA TRP A 158 -8.89 1.67 -11.18
C TRP A 158 -8.45 0.62 -12.20
N THR A 159 -7.16 0.29 -12.14
CA THR A 159 -6.57 -0.76 -12.97
C THR A 159 -5.80 -1.73 -12.06
N SER A 160 -5.38 -2.85 -12.65
CA SER A 160 -4.62 -3.84 -11.91
C SER A 160 -3.19 -3.86 -12.42
N PRO A 161 -2.19 -3.51 -11.61
CA PRO A 161 -0.79 -3.57 -12.07
C PRO A 161 -0.25 -4.99 -12.19
N TYR A 162 -0.95 -5.99 -11.67
CA TYR A 162 -0.40 -7.34 -11.57
C TYR A 162 -0.92 -8.24 -12.68
N ASN A 163 -0.04 -9.10 -13.19
CA ASN A 163 -0.44 -10.29 -13.94
C ASN A 163 0.62 -11.37 -13.70
N GLU A 164 0.29 -12.59 -14.14
CA GLU A 164 1.17 -13.74 -13.88
C GLU A 164 2.59 -13.51 -14.39
N LYS A 165 2.74 -12.67 -15.42
CA LYS A 165 4.04 -12.42 -16.03
C LYS A 165 5.04 -11.80 -15.07
N CYS A 166 4.56 -11.19 -13.98
CA CYS A 166 5.45 -10.43 -13.09
C CYS A 166 6.46 -11.35 -12.42
N LYS A 167 7.72 -10.93 -12.43
CA LYS A 167 8.80 -11.65 -11.77
C LYS A 167 8.69 -11.56 -10.26
N1 EPE B . -10.98 -16.41 8.52
C2 EPE B . -11.43 -17.81 8.57
C3 EPE B . -11.33 -18.37 9.98
N4 EPE B . -11.96 -17.51 10.95
C5 EPE B . -12.52 -16.25 10.48
C6 EPE B . -11.54 -15.54 9.57
C7 EPE B . -11.78 -17.75 12.37
C8 EPE B . -12.35 -16.62 13.24
O8 EPE B . -11.95 -16.82 14.57
C9 EPE B . -9.52 -16.34 8.49
C10 EPE B . -9.07 -15.79 7.14
S EPE B . -7.32 -16.08 6.80
O1S EPE B . -6.81 -17.09 7.73
O2S EPE B . -7.18 -16.55 5.43
O3S EPE B . -6.56 -14.84 6.98
#